data_1WAN
#
_entry.id   1WAN
#
_cell.length_a   1.000
_cell.length_b   1.000
_cell.length_c   1.000
_cell.angle_alpha   90.00
_cell.angle_beta   90.00
_cell.angle_gamma   90.00
#
_symmetry.space_group_name_H-M   'P 1'
#
_entity_poly.entity_id   1
_entity_poly.type   'polydeoxyribonucleotide'
_entity_poly.pdbx_seq_one_letter_code
;(DA)(DG)(DA)(DT)(DA)(DG)(DA)(DA)(DC)(DC)(DC)(DC)(DT)(DT)(DC)(DT)(DA)(DT)(DC)(DT)
(DT)(DA)(DT)(DA)(DT)(DC)(DT)(D3)(DT)(DC)(DT)(DT)
;
_entity_poly.pdbx_strand_id   A
#
loop_
_chem_comp.id
_chem_comp.type
_chem_comp.name
_chem_comp.formula
D3 DNA linking 1-(2-DEOXY-BETA-D-RIBOFURANOSYL)-4-(3-BENZAMIDO)PHENYLIMIDAZOLE 'C21 H22 N3 O7 P'
DA DNA linking 2'-DEOXYADENOSINE-5'-MONOPHOSPHATE 'C10 H14 N5 O6 P'
DC DNA linking 2'-DEOXYCYTIDINE-5'-MONOPHOSPHATE 'C9 H14 N3 O7 P'
DG DNA linking 2'-DEOXYGUANOSINE-5'-MONOPHOSPHATE 'C10 H14 N5 O7 P'
DT DNA linking THYMIDINE-5'-MONOPHOSPHATE 'C10 H15 N2 O8 P'
#
# COMPACT_ATOMS: atom_id res chain seq x y z
P D3 A 28 -2.56 2.04 7.45
OP1 D3 A 28 -3.31 1.59 8.64
OP2 D3 A 28 -1.15 1.60 7.25
O5' D3 A 28 -3.40 1.64 6.14
C5' D3 A 28 -3.64 0.27 5.82
C4' D3 A 28 -4.51 0.13 4.57
O4' D3 A 28 -3.82 0.68 3.40
C3' D3 A 28 -4.80 -1.35 4.27
O3' D3 A 28 -6.20 -1.60 4.13
C2' D3 A 28 -4.08 -1.61 2.98
C1' D3 A 28 -3.94 -0.26 2.33
N1A D3 A 28 -2.79 -0.26 1.43
C2A D3 A 28 -1.48 -0.34 1.69
N3A D3 A 28 -0.68 -0.40 0.66
C4A D3 A 28 -1.55 -0.36 -0.42
C5A D3 A 28 -2.82 -0.27 0.08
C1B D3 A 28 -1.05 -0.46 -1.84
C2B D3 A 28 0.32 -0.33 -2.16
C3B D3 A 28 0.74 -0.47 -3.49
C4B D3 A 28 -0.21 -0.74 -4.50
C5B D3 A 28 -1.55 -0.87 -4.17
C6B D3 A 28 -1.98 -0.73 -2.87
N D3 A 28 2.11 -0.34 -3.81
C D3 A 28 2.55 0.62 -4.61
O D3 A 28 1.81 1.43 -5.11
C1C D3 A 28 4.06 0.66 -4.86
C2C D3 A 28 4.57 0.74 -6.18
C3C D3 A 28 5.96 0.78 -6.40
C4C D3 A 28 6.83 0.72 -5.31
C5C D3 A 28 6.33 0.64 -4.01
C6C D3 A 28 4.95 0.59 -3.79
H5' D3 A 28 -4.16 -0.20 6.66
H5'' D3 A 28 -2.69 -0.24 5.65
H4' D3 A 28 -5.44 0.66 4.71
H3' D3 A 28 -4.38 -1.98 5.06
H2' D3 A 28 -3.10 -2.04 3.18
H2'' D3 A 28 -4.66 -2.28 2.34
H1' D3 A 28 -4.85 -0.04 1.76
H2A D3 A 28 -1.11 -0.36 2.71
H5A D3 A 28 -3.73 -0.22 -0.53
H2B D3 A 28 1.06 -0.12 -1.38
H4B D3 A 28 0.11 -0.85 -5.53
H5B D3 A 28 -2.27 -1.09 -4.95
H6B D3 A 28 -3.03 -0.85 -2.64
HN D3 A 28 2.75 -0.97 -3.42
H2C D3 A 28 3.89 0.79 -7.02
H3C D3 A 28 6.34 0.85 -7.40
H4C D3 A 28 7.90 0.75 -5.49
H5C D3 A 28 7.01 0.59 -3.17
H6C D3 A 28 4.57 0.53 -2.78
P D3 A 28 -1.17 1.14 6.66
OP1 D3 A 28 -0.24 1.34 7.82
OP2 D3 A 28 -0.62 0.82 5.32
O5' D3 A 28 -2.23 0.00 7.08
C5' D3 A 28 -2.34 -1.21 6.32
C4' D3 A 28 -3.34 -1.09 5.18
O4' D3 A 28 -2.80 -0.27 4.09
C3' D3 A 28 -3.68 -2.46 4.60
O3' D3 A 28 -5.08 -2.70 4.56
C2' D3 A 28 -3.10 -2.43 3.22
C1' D3 A 28 -3.01 -0.97 2.85
N1A D3 A 28 -1.90 -0.77 1.90
C2A D3 A 28 -0.59 -0.90 2.08
N3A D3 A 28 0.16 -0.73 1.04
C4A D3 A 28 -0.74 -0.44 0.03
C5A D3 A 28 -1.99 -0.47 0.58
C1B D3 A 28 -0.29 -0.22 -1.38
C2B D3 A 28 1.06 0.11 -1.67
C3B D3 A 28 1.48 0.27 -2.99
C4B D3 A 28 0.56 0.10 -4.05
C5B D3 A 28 -0.77 -0.22 -3.77
C6B D3 A 28 -1.20 -0.39 -2.45
N D3 A 28 2.82 0.56 -3.26
C D3 A 28 3.48 1.49 -2.58
O D3 A 28 2.93 2.14 -1.70
C1C D3 A 28 4.94 1.73 -2.92
C2C D3 A 28 5.62 0.84 -3.75
C3C D3 A 28 6.97 1.06 -4.06
C4C D3 A 28 7.64 2.18 -3.56
C5C D3 A 28 6.96 3.07 -2.73
C6C D3 A 28 5.61 2.86 -2.41
H5' D3 A 28 -2.68 -2.00 7.00
H5'' D3 A 28 -1.36 -1.48 5.92
H4' D3 A 28 -4.26 -0.62 5.55
H3' D3 A 28 -3.19 -3.23 5.19
H2' D3 A 28 -2.10 -2.87 3.22
H2'' D3 A 28 -3.75 -2.96 2.51
H1' D3 A 28 -3.96 -0.65 2.40
H2A D3 A 28 -0.17 -1.15 3.06
H5A D3 A 28 -2.93 -0.27 0.04
H2B D3 A 28 1.78 0.24 -0.85
H4B D3 A 28 0.85 0.22 -5.08
H5B D3 A 28 -1.47 -0.37 -4.58
H6B D3 A 28 -2.23 -0.64 -2.26
HN D3 A 28 3.28 0.06 -3.96
H2C D3 A 28 5.11 -0.03 -4.13
H3C D3 A 28 7.50 0.36 -4.70
H4C D3 A 28 8.67 2.34 -3.79
H5C D3 A 28 7.46 3.95 -2.33
H6C D3 A 28 5.08 3.55 -1.78
P D3 A 28 -0.22 0.68 5.91
OP1 D3 A 28 0.06 0.10 7.24
OP2 D3 A 28 0.90 0.93 4.97
O5' D3 A 28 -1.32 -0.24 5.17
C5' D3 A 28 -2.68 -0.25 5.62
C4' D3 A 28 -3.61 -0.88 4.57
O4' D3 A 28 -3.39 -0.30 3.27
C3' D3 A 28 -3.39 -2.40 4.46
O3' D3 A 28 -4.60 -3.14 4.66
C2' D3 A 28 -2.88 -2.58 3.05
C1' D3 A 28 -3.36 -1.36 2.31
N1A D3 A 28 -2.47 -1.10 1.17
C2A D3 A 28 -1.15 -0.89 1.13
N3A D3 A 28 -0.61 -0.74 -0.04
C4A D3 A 28 -1.68 -0.87 -0.90
C5A D3 A 28 -2.80 -1.09 -0.15
C1B D3 A 28 -1.50 -0.81 -2.39
C2B D3 A 28 -0.21 -0.56 -2.94
C3B D3 A 28 -0.05 -0.55 -4.32
C4B D3 A 28 -1.14 -0.78 -5.17
C5B D3 A 28 -2.41 -1.03 -4.63
C6B D3 A 28 -2.59 -1.04 -3.25
N D3 A 28 1.23 -0.30 -4.86
C D3 A 28 1.95 0.71 -4.42
O D3 A 28 1.55 1.46 -3.55
C1C D3 A 28 3.32 0.90 -5.04
C2C D3 A 28 4.46 0.55 -4.31
C3C D3 A 28 5.73 0.73 -4.87
C4C D3 A 28 5.86 1.25 -6.16
C5C D3 A 28 4.72 1.59 -6.90
C6C D3 A 28 3.45 1.42 -6.33
H5' D3 A 28 -2.99 0.77 5.79
H5'' D3 A 28 -2.75 -0.82 6.54
H4' D3 A 28 -4.64 -0.70 4.87
H3' D3 A 28 -2.63 -2.72 5.17
H2' D3 A 28 -1.79 -2.61 3.05
H2'' D3 A 28 -3.29 -3.49 2.61
H1' D3 A 28 -4.38 -1.55 1.95
H2A D3 A 28 -0.54 -0.84 2.05
H5A D3 A 28 -3.81 -1.22 -0.54
H2B D3 A 28 0.64 -0.38 -2.28
H4B D3 A 28 -1.01 -0.79 -6.23
H5B D3 A 28 -3.26 -1.21 -5.27
H6B D3 A 28 -3.57 -1.24 -2.85
HN D3 A 28 1.58 -0.88 -5.56
H2C D3 A 28 4.35 0.16 -3.31
H3C D3 A 28 6.61 0.46 -4.30
H4C D3 A 28 6.85 1.38 -6.59
H5C D3 A 28 4.82 2.00 -7.90
H6C D3 A 28 2.57 1.69 -6.90
P D3 A 28 -2.65 1.92 7.53
OP1 D3 A 28 -3.57 1.65 8.67
OP2 D3 A 28 -1.30 1.30 7.53
O5' D3 A 28 -3.40 1.49 6.17
C5' D3 A 28 -3.53 0.12 5.80
C4' D3 A 28 -4.60 -0.08 4.73
O4' D3 A 28 -4.17 0.54 3.48
C3' D3 A 28 -4.82 -1.57 4.46
O3' D3 A 28 -6.21 -1.93 4.51
C2' D3 A 28 -4.28 -1.77 3.06
C1' D3 A 28 -4.36 -0.41 2.42
N1A D3 A 28 -3.31 -0.31 1.39
C2A D3 A 28 -1.98 -0.20 1.52
N3A D3 A 28 -1.28 -0.19 0.42
C4A D3 A 28 -2.25 -0.32 -0.57
C5A D3 A 28 -3.47 -0.39 0.05
C1B D3 A 28 -1.86 -0.44 -2.03
C2B D3 A 28 -0.50 -0.38 -2.41
C3B D3 A 28 -0.15 -0.54 -3.76
C4B D3 A 28 -1.15 -0.78 -4.73
C5B D3 A 28 -2.48 -0.83 -4.33
C6B D3 A 28 -2.85 -0.66 -3.01
N D3 A 28 1.22 -0.48 -4.16
C D3 A 28 2.06 0.33 -3.52
O D3 A 28 1.72 1.02 -2.60
C1C D3 A 28 3.52 0.35 -4.00
C2C D3 A 28 4.54 0.56 -3.06
C3C D3 A 28 5.89 0.60 -3.48
C4C D3 A 28 6.19 0.45 -4.84
C5C D3 A 28 5.17 0.25 -5.77
C6C D3 A 28 3.84 0.20 -5.35
H5' D3 A 28 -3.80 -0.46 6.69
H5'' D3 A 28 -2.57 -0.24 5.44
H4' D3 A 28 -5.53 0.37 5.06
H3' D3 A 28 -4.25 -2.18 5.17
H2' D3 A 28 -3.26 -2.11 3.12
H2'' D3 A 28 -4.90 -2.49 2.51
H1' D3 A 28 -5.33 -0.28 1.97
H2A D3 A 28 -1.52 -0.12 2.50
H5A D3 A 28 -4.43 -0.49 -0.47
H2B D3 A 28 0.29 -0.21 -1.67
H4B D3 A 28 -0.90 -0.91 -5.76
H5B D3 A 28 -3.25 -1.02 -5.07
H6B D3 A 28 -3.89 -0.69 -2.74
HN D3 A 28 1.53 -1.02 -4.90
H2C D3 A 28 4.30 0.69 -2.02
H3C D3 A 28 6.67 0.76 -2.76
H4C D3 A 28 7.23 0.49 -5.15
H5C D3 A 28 5.42 0.13 -6.81
H6C D3 A 28 3.05 0.05 -6.08
P D3 A 28 -3.34 1.91 7.44
OP1 D3 A 28 -4.07 1.30 8.57
OP2 D3 A 28 -1.86 1.96 7.47
O5' D3 A 28 -3.79 1.18 6.09
C5' D3 A 28 -3.40 -0.18 5.85
C4' D3 A 28 -3.89 -0.70 4.50
O4' D3 A 28 -3.35 0.11 3.42
C3' D3 A 28 -3.40 -2.15 4.30
O3' D3 A 28 -4.41 -3.08 3.86
C2' D3 A 28 -2.42 -2.02 3.20
C1' D3 A 28 -2.83 -0.78 2.44
N1A D3 A 28 -1.70 -0.25 1.69
C2A D3 A 28 -0.50 0.15 2.10
N3A D3 A 28 0.35 0.50 1.17
C4A D3 A 28 -0.36 0.31 0.00
C5A D3 A 28 -1.61 -0.15 0.34
C1B D3 A 28 0.24 0.54 -1.35
C2B D3 A 28 1.60 0.87 -1.48
C3B D3 A 28 2.15 1.04 -2.74
C4B D3 A 28 1.36 0.90 -3.90
C5B D3 A 28 0.02 0.58 -3.77
C6B D3 A 28 -0.55 0.39 -2.50
N D3 A 28 3.53 1.31 -2.86
C D3 A 28 4.16 2.09 -2.01
O D3 A 28 3.59 2.65 -1.09
C1C D3 A 28 5.66 2.27 -2.22
C2C D3 A 28 6.37 1.23 -2.84
C3C D3 A 28 7.75 1.36 -3.04
C4C D3 A 28 8.41 2.52 -2.63
C5C D3 A 28 7.70 3.55 -2.01
C6C D3 A 28 6.32 3.43 -1.81
H5' D3 A 28 -3.81 -0.81 6.64
H5'' D3 A 28 -2.32 -0.23 5.88
H4' D3 A 28 -4.98 -0.66 4.47
H3' D3 A 28 -2.92 -2.51 5.20
H2' D3 A 28 -1.41 -1.89 3.61
H2'' D3 A 28 -2.45 -2.89 2.54
H1' D3 A 28 -3.63 -1.05 1.75
H2A D3 A 28 -0.23 0.19 3.16
H5A D3 A 28 -2.40 -0.38 -0.36
H2B D3 A 28 2.23 0.96 -0.59
H4B D3 A 28 1.77 1.03 -4.88
H5B D3 A 28 -0.59 0.45 -4.65
H6B D3 A 28 -1.61 0.12 -2.43
HN D3 A 28 4.04 0.87 -3.58
H2C D3 A 28 5.85 0.33 -3.15
H3C D3 A 28 8.31 0.56 -3.51
H4C D3 A 28 9.48 2.62 -2.78
H5C D3 A 28 8.21 4.45 -1.70
H6C D3 A 28 5.77 4.22 -1.33
P D3 A 28 -3.48 1.51 6.98
OP1 D3 A 28 -4.44 0.63 7.69
OP2 D3 A 28 -2.04 1.47 7.33
O5' D3 A 28 -3.62 1.23 5.40
C5' D3 A 28 -4.89 0.94 4.81
C4' D3 A 28 -4.79 -0.17 3.77
O4' D3 A 28 -4.13 0.30 2.57
C3' D3 A 28 -3.98 -1.35 4.32
O3' D3 A 28 -4.64 -2.62 4.23
C2' D3 A 28 -2.77 -1.39 3.42
C1' D3 A 28 -3.27 -0.75 2.14
N1A D3 A 28 -2.19 -0.30 1.26
C2A D3 A 28 -1.00 0.28 1.49
N3A D3 A 28 -0.24 0.51 0.47
C4A D3 A 28 -0.99 0.03 -0.59
C5A D3 A 28 -2.15 -0.46 -0.09
C1B D3 A 28 -0.47 0.05 -2.01
C2B D3 A 28 0.85 0.46 -2.30
C3B D3 A 28 1.31 0.41 -3.63
C4B D3 A 28 0.47 -0.03 -4.66
C5B D3 A 28 -0.83 -0.44 -4.37
C6B D3 A 28 -1.31 -0.41 -3.06
N D3 A 28 2.62 0.81 -3.95
C D3 A 28 3.66 0.20 -3.41
O D3 A 28 3.53 -0.72 -2.62
C1C D3 A 28 5.04 0.67 -3.83
C2C D3 A 28 5.66 0.07 -4.93
C3C D3 A 28 6.94 0.50 -5.33
C4C D3 A 28 7.58 1.53 -4.64
C5C D3 A 28 6.96 2.13 -3.54
C6C D3 A 28 5.69 1.69 -3.13
H5' D3 A 28 -5.29 1.83 4.34
H5'' D3 A 28 -5.58 0.62 5.60
H4' D3 A 28 -5.79 -0.50 3.52
H3' D3 A 28 -3.67 -1.15 5.35
H2' D3 A 28 -1.96 -0.80 3.85
H2'' D3 A 28 -2.46 -2.42 3.24
H1' D3 A 28 -3.88 -1.49 1.62
H2A D3 A 28 -0.69 0.54 2.51
H5A D3 A 28 -2.97 -0.90 -0.69
H2B D3 A 28 1.53 0.80 -1.51
H4B D3 A 28 0.82 -0.06 -5.68
H5B D3 A 28 -1.47 -0.78 -5.16
H6B D3 A 28 -2.32 -0.73 -2.85
HN D3 A 28 2.77 1.54 -4.58
H2C D3 A 28 5.16 -0.72 -5.46
H3C D3 A 28 7.42 0.04 -6.19
H4C D3 A 28 8.57 1.86 -4.94
H5C D3 A 28 7.46 2.91 -3.00
H6C D3 A 28 5.21 2.16 -2.28
P D3 A 28 -2.52 1.94 7.41
OP1 D3 A 28 -3.67 2.87 7.39
OP2 D3 A 28 -1.66 1.85 8.61
O5' D3 A 28 -3.09 0.46 7.10
C5' D3 A 28 -2.60 -0.34 6.02
C4' D3 A 28 -3.64 -0.49 4.90
O4' D3 A 28 -3.17 0.19 3.70
C3' D3 A 28 -3.85 -1.96 4.54
O3' D3 A 28 -5.24 -2.28 4.45
C2' D3 A 28 -3.20 -2.11 3.20
C1' D3 A 28 -3.24 -0.73 2.60
N1A D3 A 28 -2.10 -0.58 1.68
C2A D3 A 28 -0.80 -0.63 1.91
N3A D3 A 28 -0.02 -0.53 0.89
C4A D3 A 28 -0.89 -0.41 -0.17
C5A D3 A 28 -2.17 -0.43 0.33
C1B D3 A 28 -0.40 -0.30 -1.59
C2B D3 A 28 0.97 -0.11 -1.84
C3B D3 A 28 1.44 -0.05 -3.16
C4B D3 A 28 0.54 -0.19 -4.23
C5B D3 A 28 -0.82 -0.39 -3.98
C6B D3 A 28 -1.29 -0.45 -2.67
N D3 A 28 2.81 0.14 -3.38
C D3 A 28 3.49 1.01 -2.68
O D3 A 28 2.98 1.68 -1.81
C1C D3 A 28 4.98 1.13 -2.98
C2C D3 A 28 5.83 0.07 -2.67
C3C D3 A 28 7.20 0.18 -2.93
C4C D3 A 28 7.72 1.34 -3.50
C5C D3 A 28 6.86 2.41 -3.81
C6C D3 A 28 5.50 2.30 -3.54
H5' D3 A 28 -2.35 -1.33 6.40
H5'' D3 A 28 -1.69 0.12 5.62
H4' D3 A 28 -4.58 -0.05 5.23
H3' D3 A 28 -3.37 -2.61 5.27
H2' D3 A 28 -2.17 -2.43 3.33
H2'' D3 A 28 -3.75 -2.82 2.58
H1' D3 A 28 -4.18 -0.59 2.06
H2A D3 A 28 -0.40 -0.75 2.93
H5A D3 A 28 -3.09 -0.35 -0.25
H2B D3 A 28 1.68 0.00 -1.02
H4B D3 A 28 0.89 -0.15 -5.25
H5B D3 A 28 -1.51 -0.50 -4.79
H6B D3 A 28 -2.35 -0.61 -2.49
HN D3 A 28 3.26 -0.39 -4.08
H2C D3 A 28 5.43 -0.83 -2.23
H3C D3 A 28 7.87 -0.65 -2.70
H4C D3 A 28 8.78 1.42 -3.70
H5C D3 A 28 7.26 3.32 -4.24
H6C D3 A 28 4.83 3.12 -3.77
#